data_2F5Q
#
_entry.id   2F5Q
#
_cell.length_a   44.413
_cell.length_b   92.000
_cell.length_c   103.050
_cell.angle_alpha   90.00
_cell.angle_beta   90.00
_cell.angle_gamma   90.00
#
_symmetry.space_group_name_H-M   'P 21 21 21'
#
loop_
_entity.id
_entity.type
_entity.pdbx_description
1 polymer "5'-D(*AP*GP*G*TP*AP*GP*AP*CP*CP*TP*GP*GP*AP*CP*GP*C)-3'"
2 polymer "5'-D(*TP*GP*CP*G*TP*CP*CP*AP*(8OG)P*GP*TP*CP*TP*AP*CP*C)-3'"
3 polymer 'formamidopyrimidine-DNA glycosidase'
4 non-polymer 'ZINC ION'
5 water water
#
loop_
_entity_poly.entity_id
_entity_poly.type
_entity_poly.pdbx_seq_one_letter_code
_entity_poly.pdbx_strand_id
1 'polydeoxyribonucleotide' (DA)(DG)(DG)(DT)(DA)(DG)(DA)(DC)(DC)(DT)(DG)(DG)(DA)(DC)(DG)(DC) B
2 'polydeoxyribonucleotide' (DT)(DG)(DC)(DG)(DT)(DC)(DC)(DA)(8OG)(DG)(DT)(DC)(DT)(DA)(DC)(DC) C
3 'polypeptide(L)'
;MPQLPEVETIRRTLLPLIVGKTIEDVRIFWPNIIRHPRDSEAFAARMIGQTVRGLERRGKFLKFLLDRDALISHLRMEGR
YAVASALEPLEPHTHVVFCFTDGSELRYRDVRKFGTMHVYAKEEADRRPPLAELGPEPLSPAFSPAVLAERAVKTKRSVK
ALLLDCTVVAGFGNIYVDESLFRAGILPGRPAASLSSKEIERLHEEMVATIGEAVMKGGSTVRTYVNTQGEAGTFQHHLY
VYGRQGNPCKRCGTPIEKTVVAGRGTHYCPRCQR
;
A
#
# COMPACT_ATOMS: atom_id res chain seq x y z
N PRO C 2 -1.32 4.75 1.61
CA PRO C 2 -0.10 4.00 1.25
C PRO C 2 -0.33 2.89 0.26
N GLN C 3 0.51 2.88 -0.77
CA GLN C 3 0.46 1.89 -1.83
C GLN C 3 1.78 1.15 -1.79
N LEU C 4 2.00 0.23 -2.71
CA LEU C 4 3.23 -0.54 -2.73
C LEU C 4 4.47 0.29 -2.42
N PRO C 5 4.71 1.38 -3.17
CA PRO C 5 5.90 2.20 -2.91
C PRO C 5 6.04 2.69 -1.47
N GLU C 6 4.93 3.20 -0.91
CA GLU C 6 4.93 3.72 0.45
C GLU C 6 5.12 2.63 1.49
N VAL C 7 4.40 1.53 1.31
CA VAL C 7 4.49 0.41 2.23
C VAL C 7 5.87 -0.20 2.12
N GLU C 8 6.38 -0.30 0.90
CA GLU C 8 7.70 -0.88 0.68
C GLU C 8 8.76 -0.03 1.35
N THR C 9 8.59 1.28 1.29
CA THR C 9 9.55 2.19 1.90
C THR C 9 9.46 2.07 3.41
N ILE C 10 8.23 2.00 3.92
CA ILE C 10 8.02 1.86 5.35
C ILE C 10 8.67 0.55 5.81
N ARG C 11 8.47 -0.50 5.03
CA ARG C 11 9.02 -1.80 5.35
C ARG C 11 10.55 -1.77 5.45
N ARG C 12 11.19 -1.09 4.51
CA ARG C 12 12.64 -1.01 4.49
C ARG C 12 13.21 -0.23 5.65
N THR C 13 12.60 0.90 5.98
CA THR C 13 13.08 1.73 7.07
C THR C 13 12.69 1.24 8.47
N LEU C 14 11.71 0.35 8.53
CA LEU C 14 11.23 -0.17 9.80
C LEU C 14 11.92 -1.45 10.27
N LEU C 15 12.15 -2.37 9.34
CA LEU C 15 12.78 -3.65 9.65
C LEU C 15 14.01 -3.60 10.56
N PRO C 16 15.06 -2.86 10.15
CA PRO C 16 16.24 -2.82 11.01
C PRO C 16 16.00 -2.27 12.41
N LEU C 17 14.88 -1.58 12.60
CA LEU C 17 14.56 -1.00 13.90
C LEU C 17 13.82 -1.97 14.81
N ILE C 18 13.26 -3.04 14.26
CA ILE C 18 12.53 -3.98 15.10
C ILE C 18 13.04 -5.40 15.02
N VAL C 19 13.81 -5.71 14.00
CA VAL C 19 14.31 -7.06 13.86
C VAL C 19 15.12 -7.47 15.10
N GLY C 20 14.89 -8.68 15.59
CA GLY C 20 15.60 -9.17 16.76
C GLY C 20 14.99 -8.81 18.10
N LYS C 21 14.04 -7.88 18.11
CA LYS C 21 13.42 -7.48 19.36
C LYS C 21 12.31 -8.44 19.75
N THR C 22 12.12 -8.60 21.06
CA THR C 22 11.12 -9.50 21.60
C THR C 22 9.98 -8.71 22.20
N ILE C 23 8.76 -9.11 21.85
CA ILE C 23 7.56 -8.44 22.31
C ILE C 23 7.28 -8.84 23.74
N GLU C 24 7.15 -7.83 24.59
CA GLU C 24 6.89 -8.04 26.02
C GLU C 24 5.44 -7.74 26.32
N ASP C 25 4.86 -6.81 25.58
CA ASP C 25 3.47 -6.46 25.81
C ASP C 25 2.88 -5.84 24.55
N VAL C 26 1.55 -5.83 24.47
CA VAL C 26 0.85 -5.27 23.33
C VAL C 26 -0.35 -4.53 23.88
N ARG C 27 -0.38 -3.23 23.63
CA ARG C 27 -1.47 -2.41 24.12
C ARG C 27 -2.33 -1.93 22.98
N ILE C 28 -3.64 -2.15 23.12
CA ILE C 28 -4.61 -1.76 22.11
C ILE C 28 -5.52 -0.69 22.66
N PHE C 29 -5.53 0.47 22.01
CA PHE C 29 -6.36 1.58 22.43
C PHE C 29 -7.55 1.75 21.48
N TRP C 30 -7.68 0.85 20.52
CA TRP C 30 -8.79 0.85 19.58
C TRP C 30 -8.91 -0.55 19.01
N PRO C 31 -9.62 -1.43 19.71
CA PRO C 31 -9.86 -2.85 19.36
C PRO C 31 -10.26 -3.17 17.92
N ASN C 32 -11.07 -2.32 17.30
CA ASN C 32 -11.53 -2.56 15.94
C ASN C 32 -10.39 -2.80 14.95
N ILE C 33 -9.22 -2.21 15.18
CA ILE C 33 -8.09 -2.41 14.29
C ILE C 33 -7.70 -3.89 14.24
N ILE C 34 -7.92 -4.60 15.35
CA ILE C 34 -7.60 -6.02 15.44
C ILE C 34 -8.72 -6.83 14.77
N ARG C 35 -8.38 -7.60 13.73
CA ARG C 35 -9.40 -8.38 13.03
C ARG C 35 -9.32 -9.86 13.32
N HIS C 36 -8.12 -10.36 13.61
CA HIS C 36 -7.97 -11.76 13.93
C HIS C 36 -6.70 -11.98 14.74
N PRO C 37 -6.83 -12.65 15.90
CA PRO C 37 -8.15 -13.13 16.36
C PRO C 37 -9.01 -11.93 16.72
N ARG C 38 -10.33 -12.06 16.63
CA ARG C 38 -11.21 -10.93 16.93
C ARG C 38 -11.00 -10.34 18.32
N ASP C 39 -10.86 -11.21 19.32
CA ASP C 39 -10.64 -10.79 20.70
C ASP C 39 -9.31 -10.04 20.80
N SER C 40 -9.38 -8.75 21.07
CA SER C 40 -8.16 -7.96 21.17
C SER C 40 -7.24 -8.50 22.27
N GLU C 41 -7.82 -9.13 23.29
CA GLU C 41 -6.99 -9.66 24.37
C GLU C 41 -6.23 -10.91 23.95
N ALA C 42 -6.78 -11.68 23.00
CA ALA C 42 -6.12 -12.88 22.52
C ALA C 42 -4.99 -12.47 21.59
N PHE C 43 -5.24 -11.43 20.79
CA PHE C 43 -4.24 -10.90 19.87
C PHE C 43 -3.02 -10.46 20.67
N ALA C 44 -3.25 -9.68 21.73
CA ALA C 44 -2.16 -9.21 22.57
C ALA C 44 -1.41 -10.37 23.24
N ALA C 45 -2.16 -11.23 23.91
CA ALA C 45 -1.56 -12.34 24.61
C ALA C 45 -0.69 -13.24 23.75
N ARG C 46 -1.05 -13.46 22.49
CA ARG C 46 -0.26 -14.36 21.66
C ARG C 46 1.02 -13.75 21.12
N MET C 47 1.09 -12.42 21.10
CA MET C 47 2.28 -11.74 20.61
C MET C 47 3.35 -11.81 21.69
N ILE C 48 2.91 -11.71 22.94
CA ILE C 48 3.81 -11.73 24.09
C ILE C 48 4.80 -12.88 24.03
N GLY C 49 6.08 -12.55 24.06
CA GLY C 49 7.12 -13.58 24.05
C GLY C 49 7.78 -13.87 22.71
N GLN C 50 7.11 -13.49 21.62
CA GLN C 50 7.64 -13.73 20.28
C GLN C 50 8.63 -12.66 19.85
N THR C 51 9.61 -13.05 19.04
CA THR C 51 10.61 -12.11 18.55
C THR C 51 10.34 -11.78 17.08
N VAL C 52 10.65 -10.55 16.70
CA VAL C 52 10.48 -10.12 15.32
C VAL C 52 11.66 -10.69 14.55
N ARG C 53 11.37 -11.57 13.58
CA ARG C 53 12.43 -12.19 12.79
C ARG C 53 12.53 -11.57 11.40
N GLY C 54 11.48 -10.88 10.97
CA GLY C 54 11.52 -10.27 9.65
C GLY C 54 10.29 -9.47 9.31
N LEU C 55 10.43 -8.63 8.30
CA LEU C 55 9.34 -7.77 7.86
C LEU C 55 9.26 -7.84 6.34
N GLU C 56 8.17 -8.39 5.84
CA GLU C 56 7.97 -8.53 4.41
C GLU C 56 6.76 -7.73 3.95
N ARG C 57 6.65 -7.57 2.64
CA ARG C 57 5.53 -6.84 2.07
C ARG C 57 4.81 -7.70 1.05
N ARG C 58 3.50 -7.60 1.04
CA ARG C 58 2.69 -8.33 0.09
C ARG C 58 1.64 -7.30 -0.34
N GLY C 59 1.75 -6.83 -1.58
CA GLY C 59 0.82 -5.82 -2.04
C GLY C 59 1.02 -4.61 -1.15
N LYS C 60 -0.05 -4.14 -0.52
CA LYS C 60 0.02 -2.99 0.37
C LYS C 60 0.04 -3.46 1.82
N PHE C 61 0.22 -4.77 2.02
CA PHE C 61 0.25 -5.32 3.37
C PHE C 61 1.63 -5.44 3.95
N LEU C 62 1.74 -5.21 5.25
CA LEU C 62 3.01 -5.40 5.93
C LEU C 62 2.89 -6.76 6.57
N LYS C 63 3.91 -7.58 6.42
CA LYS C 63 3.89 -8.90 7.02
C LYS C 63 5.03 -9.02 8.03
N PHE C 64 4.69 -8.85 9.30
CA PHE C 64 5.65 -8.96 10.39
C PHE C 64 5.83 -10.44 10.67
N LEU C 65 7.04 -10.95 10.46
CA LEU C 65 7.31 -12.35 10.72
C LEU C 65 7.86 -12.48 12.14
N LEU C 66 7.12 -13.15 13.00
CA LEU C 66 7.55 -13.35 14.38
C LEU C 66 8.13 -14.77 14.53
N ASP C 67 7.85 -15.43 15.65
CA ASP C 67 8.37 -16.77 15.89
C ASP C 67 7.49 -17.82 15.23
N ARG C 68 6.27 -17.93 15.70
CA ARG C 68 5.37 -18.88 15.08
C ARG C 68 4.28 -18.15 14.29
N ASP C 69 4.03 -16.89 14.63
CA ASP C 69 2.99 -16.16 13.91
C ASP C 69 3.50 -15.08 12.98
N ALA C 70 2.60 -14.57 12.16
CA ALA C 70 2.90 -13.49 11.25
C ALA C 70 1.81 -12.47 11.52
N LEU C 71 2.20 -11.21 11.61
CA LEU C 71 1.24 -10.13 11.84
C LEU C 71 1.03 -9.44 10.51
N ILE C 72 -0.18 -9.56 9.96
CA ILE C 72 -0.52 -8.95 8.67
C ILE C 72 -1.13 -7.59 8.97
N SER C 73 -0.42 -6.53 8.58
CA SER C 73 -0.86 -5.18 8.84
C SER C 73 -1.17 -4.38 7.58
N HIS C 74 -2.32 -3.71 7.58
CA HIS C 74 -2.71 -2.87 6.46
C HIS C 74 -2.87 -1.47 7.02
N LEU C 75 -2.16 -0.52 6.44
CA LEU C 75 -2.22 0.85 6.89
C LEU C 75 -3.45 1.59 6.38
N ARG C 76 -4.09 1.03 5.37
CA ARG C 76 -5.25 1.68 4.74
C ARG C 76 -4.85 3.10 4.36
N MET C 77 -5.67 4.09 4.73
CA MET C 77 -5.36 5.46 4.34
C MET C 77 -4.36 6.19 5.21
N GLU C 78 -4.44 6.01 6.51
CA GLU C 78 -3.55 6.74 7.42
C GLU C 78 -2.65 5.95 8.37
N GLY C 79 -2.59 4.63 8.22
CA GLY C 79 -1.75 3.83 9.11
C GLY C 79 -0.29 4.19 9.03
N ARG C 80 0.35 4.41 10.17
CA ARG C 80 1.77 4.74 10.22
C ARG C 80 2.48 4.10 11.40
N TYR C 81 3.71 3.64 11.17
CA TYR C 81 4.50 3.02 12.23
C TYR C 81 5.69 3.88 12.62
N ALA C 82 6.05 3.81 13.90
CA ALA C 82 7.21 4.55 14.38
C ALA C 82 7.79 3.72 15.53
N VAL C 83 9.11 3.74 15.68
CA VAL C 83 9.76 3.02 16.76
C VAL C 83 10.31 4.09 17.68
N ALA C 84 9.93 4.04 18.95
CA ALA C 84 10.38 5.03 19.91
C ALA C 84 10.53 4.44 21.32
N SER C 85 11.07 5.25 22.22
CA SER C 85 11.27 4.83 23.61
C SER C 85 9.95 4.75 24.36
N ALA C 86 9.82 3.70 25.18
CA ALA C 86 8.61 3.50 25.97
C ALA C 86 8.46 4.57 27.06
N LEU C 87 9.52 5.34 27.30
CA LEU C 87 9.47 6.38 28.33
C LEU C 87 8.89 7.71 27.84
N GLU C 88 8.89 7.93 26.53
CA GLU C 88 8.34 9.14 25.94
C GLU C 88 6.82 9.07 25.87
N PRO C 89 6.12 10.23 25.97
CA PRO C 89 4.65 10.25 25.89
C PRO C 89 4.21 9.76 24.52
N LEU C 90 2.99 9.24 24.46
CA LEU C 90 2.42 8.74 23.22
C LEU C 90 1.87 9.86 22.35
N GLU C 91 2.13 9.82 21.05
CA GLU C 91 1.62 10.83 20.14
C GLU C 91 0.12 10.58 19.97
N PRO C 92 -0.62 11.55 19.41
CA PRO C 92 -2.07 11.34 19.24
C PRO C 92 -2.38 10.27 18.21
N HIS C 93 -3.56 9.68 18.31
CA HIS C 93 -4.02 8.65 17.38
C HIS C 93 -3.17 7.39 17.36
N THR C 94 -2.49 7.10 18.46
CA THR C 94 -1.69 5.89 18.53
C THR C 94 -2.68 4.85 19.02
N HIS C 95 -2.99 3.85 18.20
CA HIS C 95 -3.98 2.88 18.61
C HIS C 95 -3.41 1.55 19.08
N VAL C 96 -2.25 1.19 18.56
CA VAL C 96 -1.65 -0.06 18.98
C VAL C 96 -0.17 0.17 19.20
N VAL C 97 0.32 -0.35 20.31
CA VAL C 97 1.71 -0.23 20.68
C VAL C 97 2.23 -1.62 21.03
N PHE C 98 3.35 -2.01 20.44
CA PHE C 98 3.94 -3.30 20.76
C PHE C 98 5.17 -2.95 21.60
N CYS C 99 5.18 -3.36 22.86
CA CYS C 99 6.29 -3.06 23.76
C CYS C 99 7.36 -4.14 23.70
N PHE C 100 8.59 -3.74 23.43
CA PHE C 100 9.69 -4.69 23.34
C PHE C 100 10.46 -4.77 24.64
N THR C 101 11.12 -5.91 24.87
CA THR C 101 11.84 -6.10 26.11
C THR C 101 13.02 -5.13 26.32
N ASP C 102 13.48 -4.48 25.26
CA ASP C 102 14.61 -3.57 25.38
C ASP C 102 14.14 -2.16 25.76
N GLY C 103 12.84 -2.01 26.03
CA GLY C 103 12.32 -0.71 26.42
C GLY C 103 11.88 0.18 25.28
N SER C 104 12.05 -0.29 24.05
CA SER C 104 11.61 0.51 22.92
C SER C 104 10.24 -0.02 22.55
N GLU C 105 9.59 0.61 21.57
CA GLU C 105 8.29 0.13 21.17
C GLU C 105 7.89 0.52 19.77
N LEU C 106 7.12 -0.36 19.13
CA LEU C 106 6.63 -0.11 17.79
C LEU C 106 5.25 0.50 18.01
N ARG C 107 5.05 1.70 17.50
CA ARG C 107 3.78 2.40 17.68
C ARG C 107 3.01 2.48 16.38
N TYR C 108 1.75 2.13 16.44
CA TYR C 108 0.93 2.20 15.25
C TYR C 108 -0.05 3.34 15.41
N ARG C 109 0.10 4.38 14.58
CA ARG C 109 -0.79 5.53 14.62
C ARG C 109 -1.70 5.44 13.41
N ASP C 110 -2.92 5.90 13.54
CA ASP C 110 -3.87 5.82 12.43
C ASP C 110 -5.05 6.76 12.73
N VAL C 111 -4.93 8.00 12.28
CA VAL C 111 -5.96 9.00 12.52
C VAL C 111 -7.38 8.56 12.20
N ARG C 112 -7.57 7.97 11.03
CA ARG C 112 -8.89 7.55 10.63
C ARG C 112 -9.32 6.18 11.14
N LYS C 113 -8.41 5.47 11.79
CA LYS C 113 -8.70 4.16 12.35
C LYS C 113 -9.20 3.16 11.32
N PHE C 114 -8.66 3.20 10.10
CA PHE C 114 -9.10 2.25 9.07
C PHE C 114 -8.21 1.00 9.00
N GLY C 115 -6.95 1.14 9.42
CA GLY C 115 -6.00 0.03 9.39
C GLY C 115 -6.52 -1.26 10.01
N THR C 116 -5.95 -2.37 9.58
CA THR C 116 -6.36 -3.67 10.08
C THR C 116 -5.13 -4.49 10.43
N MET C 117 -5.31 -5.41 11.37
CA MET C 117 -4.24 -6.29 11.79
C MET C 117 -4.82 -7.71 11.96
N HIS C 118 -4.15 -8.69 11.37
CA HIS C 118 -4.55 -10.09 11.46
C HIS C 118 -3.32 -10.88 11.89
N VAL C 119 -3.47 -11.76 12.86
CA VAL C 119 -2.35 -12.58 13.29
C VAL C 119 -2.70 -14.02 13.02
N TYR C 120 -1.81 -14.71 12.30
CA TYR C 120 -2.00 -16.13 11.98
C TYR C 120 -0.68 -16.84 12.14
N ALA C 121 -0.73 -18.16 12.28
CA ALA C 121 0.49 -18.95 12.37
C ALA C 121 1.15 -18.65 11.04
N LYS C 122 2.47 -18.59 11.00
CA LYS C 122 3.18 -18.29 9.75
C LYS C 122 2.58 -18.98 8.52
N GLU C 123 2.46 -20.31 8.59
CA GLU C 123 1.94 -21.13 7.50
C GLU C 123 0.56 -20.73 6.98
N GLU C 124 -0.34 -20.37 7.89
CA GLU C 124 -1.69 -20.00 7.52
C GLU C 124 -1.84 -18.63 6.85
N ALA C 125 -0.99 -17.68 7.24
CA ALA C 125 -1.03 -16.31 6.74
C ALA C 125 -1.41 -16.11 5.26
N ASP C 126 -0.71 -16.79 4.36
CA ASP C 126 -0.95 -16.64 2.94
C ASP C 126 -2.23 -17.27 2.38
N ARG C 127 -2.72 -18.31 3.04
CA ARG C 127 -3.93 -19.00 2.60
C ARG C 127 -5.17 -18.44 3.27
N ARG C 128 -4.99 -17.52 4.20
CA ARG C 128 -6.12 -16.92 4.90
C ARG C 128 -6.28 -15.46 4.49
N PRO C 129 -7.48 -14.90 4.66
CA PRO C 129 -7.61 -13.50 4.28
C PRO C 129 -6.82 -12.66 5.29
N PRO C 130 -6.40 -11.45 4.90
CA PRO C 130 -6.60 -10.81 3.61
C PRO C 130 -5.57 -11.09 2.52
N LEU C 131 -4.55 -11.89 2.81
CA LEU C 131 -3.51 -12.17 1.81
C LEU C 131 -3.91 -13.24 0.81
N ALA C 132 -4.91 -14.04 1.16
CA ALA C 132 -5.38 -15.15 0.33
C ALA C 132 -5.75 -14.74 -1.09
N GLU C 133 -6.71 -13.83 -1.20
CA GLU C 133 -7.17 -13.35 -2.49
C GLU C 133 -6.38 -12.11 -2.91
N LEU C 134 -5.11 -12.30 -3.24
CA LEU C 134 -4.27 -11.17 -3.64
C LEU C 134 -3.54 -11.41 -4.96
N GLY C 135 -3.67 -10.46 -5.87
CA GLY C 135 -3.03 -10.56 -7.17
C GLY C 135 -1.51 -10.53 -7.09
N PRO C 136 -0.81 -10.83 -8.19
CA PRO C 136 0.66 -10.85 -8.23
C PRO C 136 1.36 -9.50 -8.04
N GLU C 137 2.64 -9.59 -7.71
CA GLU C 137 3.45 -8.40 -7.49
C GLU C 137 3.80 -7.77 -8.83
N PRO C 138 3.49 -6.48 -8.99
CA PRO C 138 3.77 -5.78 -10.25
C PRO C 138 5.23 -5.81 -10.67
N LEU C 139 6.12 -6.04 -9.72
CA LEU C 139 7.54 -6.08 -10.02
C LEU C 139 8.10 -7.50 -10.11
N SER C 140 7.25 -8.47 -10.44
CA SER C 140 7.70 -9.85 -10.56
C SER C 140 7.13 -10.48 -11.83
N PRO C 141 7.84 -11.47 -12.40
CA PRO C 141 7.40 -12.16 -13.61
C PRO C 141 5.94 -12.63 -13.54
N ALA C 142 5.41 -12.71 -12.32
CA ALA C 142 4.03 -13.12 -12.11
C ALA C 142 3.07 -12.13 -12.74
N PHE C 143 3.52 -10.88 -12.88
CA PHE C 143 2.69 -9.85 -13.49
C PHE C 143 3.21 -9.62 -14.91
N SER C 144 2.42 -10.02 -15.90
CA SER C 144 2.79 -9.87 -17.30
C SER C 144 1.65 -9.28 -18.10
N PRO C 145 1.95 -8.74 -19.29
CA PRO C 145 0.89 -8.16 -20.12
C PRO C 145 -0.21 -9.21 -20.32
N ALA C 146 0.22 -10.47 -20.37
CA ALA C 146 -0.68 -11.60 -20.54
C ALA C 146 -1.69 -11.65 -19.40
N VAL C 147 -1.20 -11.46 -18.18
CA VAL C 147 -2.06 -11.46 -16.99
C VAL C 147 -3.07 -10.34 -17.05
N LEU C 148 -2.59 -9.12 -17.30
CA LEU C 148 -3.45 -7.96 -17.37
C LEU C 148 -4.47 -8.11 -18.50
N ALA C 149 -4.04 -8.69 -19.61
CA ALA C 149 -4.91 -8.90 -20.77
C ALA C 149 -6.07 -9.84 -20.43
N GLU C 150 -5.74 -10.97 -19.83
CA GLU C 150 -6.71 -11.98 -19.45
C GLU C 150 -7.81 -11.45 -18.53
N ARG C 151 -7.50 -10.38 -17.80
CA ARG C 151 -8.46 -9.79 -16.88
C ARG C 151 -9.22 -8.64 -17.52
N ALA C 152 -8.59 -7.96 -18.48
CA ALA C 152 -9.23 -6.84 -19.15
C ALA C 152 -10.38 -7.31 -20.05
N VAL C 153 -10.14 -8.40 -20.79
CA VAL C 153 -11.15 -8.96 -21.70
C VAL C 153 -12.34 -9.57 -20.97
N LYS C 154 -12.17 -9.88 -19.69
CA LYS C 154 -13.25 -10.49 -18.91
C LYS C 154 -14.10 -9.51 -18.11
N THR C 155 -14.05 -8.23 -18.47
CA THR C 155 -14.85 -7.25 -17.74
C THR C 155 -15.17 -6.01 -18.56
N LYS C 156 -16.31 -5.39 -18.25
CA LYS C 156 -16.76 -4.20 -18.95
C LYS C 156 -16.46 -2.93 -18.16
N ARG C 157 -15.93 -3.10 -16.95
CA ARG C 157 -15.61 -1.94 -16.11
C ARG C 157 -14.36 -1.18 -16.55
N SER C 158 -14.22 0.03 -16.02
CA SER C 158 -13.10 0.89 -16.35
C SER C 158 -11.74 0.25 -16.10
N VAL C 159 -10.77 0.60 -16.94
CA VAL C 159 -9.42 0.08 -16.82
C VAL C 159 -8.87 0.55 -15.47
N LYS C 160 -9.44 1.62 -14.93
CA LYS C 160 -9.01 2.13 -13.64
C LYS C 160 -9.49 1.18 -12.54
N ALA C 161 -10.74 0.76 -12.63
CA ALA C 161 -11.31 -0.15 -11.64
C ALA C 161 -10.55 -1.45 -11.65
N LEU C 162 -10.12 -1.86 -12.84
CA LEU C 162 -9.36 -3.10 -12.97
C LEU C 162 -8.07 -3.01 -12.16
N LEU C 163 -7.27 -1.98 -12.45
CA LEU C 163 -5.99 -1.76 -11.78
C LEU C 163 -6.08 -1.54 -10.27
N LEU C 164 -7.18 -0.96 -9.82
CA LEU C 164 -7.40 -0.71 -8.40
C LEU C 164 -7.80 -2.01 -7.69
N ASP C 165 -8.05 -3.05 -8.47
CA ASP C 165 -8.46 -4.36 -7.96
C ASP C 165 -7.25 -5.20 -7.52
N CYS C 166 -7.09 -5.35 -6.20
CA CYS C 166 -5.97 -6.10 -5.65
C CYS C 166 -5.85 -7.57 -6.12
N THR C 167 -6.93 -8.12 -6.66
CA THR C 167 -6.89 -9.50 -7.13
C THR C 167 -6.21 -9.57 -8.50
N VAL C 168 -6.32 -8.49 -9.28
CA VAL C 168 -5.72 -8.40 -10.61
C VAL C 168 -4.20 -8.22 -10.49
N VAL C 169 -3.81 -7.21 -9.75
CA VAL C 169 -2.40 -6.90 -9.52
C VAL C 169 -2.37 -6.28 -8.14
N ALA C 170 -1.29 -6.51 -7.39
CA ALA C 170 -1.23 -5.95 -6.04
C ALA C 170 -0.44 -4.66 -5.96
N GLY C 171 -0.75 -3.86 -4.95
CA GLY C 171 -0.02 -2.63 -4.71
C GLY C 171 -0.39 -1.34 -5.40
N PHE C 172 -1.32 -1.37 -6.35
CA PHE C 172 -1.69 -0.15 -7.03
C PHE C 172 -2.85 0.59 -6.42
N GLY C 173 -2.62 1.87 -6.11
CA GLY C 173 -3.65 2.68 -5.52
C GLY C 173 -4.04 3.83 -6.43
N ASN C 174 -4.88 4.73 -5.91
CA ASN C 174 -5.38 5.86 -6.67
C ASN C 174 -4.30 6.71 -7.32
N ILE C 175 -3.19 6.93 -6.64
CA ILE C 175 -2.12 7.74 -7.22
C ILE C 175 -1.43 7.05 -8.39
N TYR C 176 -0.95 5.85 -8.17
CA TYR C 176 -0.23 5.14 -9.22
C TYR C 176 -1.05 4.61 -10.38
N VAL C 177 -2.35 4.45 -10.16
CA VAL C 177 -3.19 4.01 -11.25
C VAL C 177 -3.34 5.21 -12.20
N ASP C 178 -3.75 6.37 -11.66
CA ASP C 178 -3.90 7.56 -12.50
C ASP C 178 -2.61 7.93 -13.22
N GLU C 179 -1.47 7.78 -12.55
CA GLU C 179 -0.18 8.10 -13.16
C GLU C 179 0.21 7.12 -14.26
N SER C 180 0.03 5.82 -13.99
CA SER C 180 0.38 4.81 -14.99
C SER C 180 -0.48 4.96 -16.25
N LEU C 181 -1.76 5.23 -16.05
CA LEU C 181 -2.66 5.37 -17.18
C LEU C 181 -2.29 6.61 -18.00
N PHE C 182 -1.82 7.66 -17.32
CA PHE C 182 -1.42 8.86 -18.04
C PHE C 182 -0.20 8.51 -18.89
N ARG C 183 0.79 7.89 -18.25
CA ARG C 183 2.01 7.50 -18.93
C ARG C 183 1.80 6.48 -20.05
N ALA C 184 0.68 5.78 -20.01
CA ALA C 184 0.37 4.80 -21.05
C ALA C 184 -0.52 5.45 -22.11
N GLY C 185 -0.95 6.69 -21.85
CA GLY C 185 -1.77 7.42 -22.79
C GLY C 185 -3.19 6.92 -22.90
N ILE C 186 -3.68 6.32 -21.82
CA ILE C 186 -5.04 5.78 -21.78
C ILE C 186 -5.97 6.52 -20.80
N LEU C 187 -7.18 6.82 -21.26
CA LEU C 187 -8.16 7.47 -20.41
C LEU C 187 -8.58 6.43 -19.38
N PRO C 188 -8.63 6.83 -18.10
CA PRO C 188 -9.00 5.88 -17.06
C PRO C 188 -10.44 5.37 -17.10
N GLY C 189 -11.37 6.22 -17.55
CA GLY C 189 -12.76 5.81 -17.59
C GLY C 189 -13.14 4.84 -18.70
N ARG C 190 -12.21 4.50 -19.58
CA ARG C 190 -12.56 3.61 -20.67
C ARG C 190 -12.59 2.14 -20.27
N PRO C 191 -13.52 1.37 -20.86
CA PRO C 191 -13.68 -0.06 -20.60
C PRO C 191 -12.35 -0.80 -20.71
N ALA C 192 -12.08 -1.69 -19.76
CA ALA C 192 -10.84 -2.45 -19.76
C ALA C 192 -10.74 -3.38 -20.96
N ALA C 193 -11.88 -3.91 -21.39
CA ALA C 193 -11.94 -4.83 -22.53
C ALA C 193 -11.72 -4.13 -23.87
N SER C 194 -11.84 -2.80 -23.88
CA SER C 194 -11.65 -2.03 -25.11
C SER C 194 -10.19 -1.68 -25.33
N LEU C 195 -9.32 -2.14 -24.43
CA LEU C 195 -7.89 -1.86 -24.55
C LEU C 195 -7.27 -2.83 -25.54
N SER C 196 -6.49 -2.30 -26.47
CA SER C 196 -5.82 -3.12 -27.47
C SER C 196 -4.55 -3.75 -26.91
N SER C 197 -4.05 -4.76 -27.60
CA SER C 197 -2.84 -5.46 -27.17
C SER C 197 -1.66 -4.53 -27.00
N LYS C 198 -1.57 -3.50 -27.84
CA LYS C 198 -0.47 -2.56 -27.75
C LYS C 198 -0.61 -1.70 -26.50
N GLU C 199 -1.85 -1.27 -26.23
CA GLU C 199 -2.13 -0.45 -25.05
C GLU C 199 -1.82 -1.25 -23.78
N ILE C 200 -2.35 -2.47 -23.71
CA ILE C 200 -2.13 -3.32 -22.55
C ILE C 200 -0.65 -3.58 -22.30
N GLU C 201 0.12 -3.76 -23.35
CA GLU C 201 1.56 -4.00 -23.19
C GLU C 201 2.26 -2.69 -22.82
N ARG C 202 1.62 -1.57 -23.16
CA ARG C 202 2.15 -0.25 -22.88
C ARG C 202 1.82 0.15 -21.44
N LEU C 203 0.62 -0.21 -21.01
CA LEU C 203 0.14 0.07 -19.68
C LEU C 203 0.98 -0.72 -18.68
N HIS C 204 1.13 -2.01 -18.96
CA HIS C 204 1.91 -2.90 -18.11
C HIS C 204 3.29 -2.30 -17.91
N GLU C 205 3.93 -1.96 -19.01
CA GLU C 205 5.26 -1.37 -18.99
C GLU C 205 5.29 -0.09 -18.16
N GLU C 206 4.23 0.71 -18.26
CA GLU C 206 4.16 1.95 -17.51
C GLU C 206 3.93 1.71 -16.03
N MET C 207 3.04 0.79 -15.72
CA MET C 207 2.76 0.43 -14.34
C MET C 207 4.05 -0.01 -13.66
N VAL C 208 4.71 -1.00 -14.24
CA VAL C 208 5.95 -1.52 -13.70
C VAL C 208 7.00 -0.43 -13.53
N ALA C 209 7.09 0.46 -14.51
CA ALA C 209 8.05 1.54 -14.46
C ALA C 209 7.71 2.55 -13.36
N THR C 210 6.43 2.91 -13.26
CA THR C 210 5.99 3.88 -12.27
C THR C 210 6.24 3.36 -10.86
N ILE C 211 5.77 2.15 -10.58
CA ILE C 211 5.95 1.56 -9.27
C ILE C 211 7.41 1.53 -8.86
N GLY C 212 8.26 1.06 -9.77
CA GLY C 212 9.69 1.00 -9.50
C GLY C 212 10.30 2.36 -9.18
N GLU C 213 9.94 3.39 -9.93
CA GLU C 213 10.48 4.73 -9.69
C GLU C 213 9.97 5.28 -8.37
N ALA C 214 8.68 5.02 -8.10
CA ALA C 214 8.08 5.49 -6.87
C ALA C 214 8.82 4.85 -5.69
N VAL C 215 9.19 3.57 -5.83
CA VAL C 215 9.91 2.89 -4.77
C VAL C 215 11.26 3.55 -4.52
N MET C 216 11.98 3.87 -5.60
CA MET C 216 13.28 4.53 -5.47
C MET C 216 13.16 5.88 -4.78
N LYS C 217 12.17 6.67 -5.18
CA LYS C 217 11.96 7.99 -4.60
C LYS C 217 11.37 7.94 -3.19
N GLY C 218 11.23 6.74 -2.63
CA GLY C 218 10.68 6.61 -1.30
C GLY C 218 9.19 6.85 -1.15
N GLY C 219 8.44 6.61 -2.23
CA GLY C 219 7.00 6.81 -2.18
C GLY C 219 6.57 8.24 -2.44
N SER C 220 5.26 8.47 -2.44
CA SER C 220 4.71 9.79 -2.69
C SER C 220 4.08 10.39 -1.46
N THR C 221 4.58 11.55 -1.06
CA THR C 221 4.04 12.27 0.09
C THR C 221 3.15 13.38 -0.47
N VAL C 222 1.85 13.11 -0.53
CA VAL C 222 0.89 14.09 -1.05
C VAL C 222 -0.01 14.65 0.03
N ARG C 223 -0.08 13.98 1.18
CA ARG C 223 -0.90 14.44 2.28
C ARG C 223 -0.27 14.15 3.64
N THR C 224 -0.29 12.88 4.03
CA THR C 224 0.23 12.50 5.33
C THR C 224 1.27 11.38 5.35
N TYR C 225 1.65 10.88 4.18
CA TYR C 225 2.63 9.82 4.14
C TYR C 225 4.07 10.24 4.39
N VAL C 226 4.77 9.42 5.18
CA VAL C 226 6.17 9.62 5.52
C VAL C 226 6.72 8.22 5.85
N ASN C 227 8.01 8.00 5.66
CA ASN C 227 8.54 6.69 5.99
C ASN C 227 8.67 6.60 7.51
N THR C 228 9.17 5.48 8.01
CA THR C 228 9.30 5.26 9.45
C THR C 228 10.05 6.35 10.21
N GLN C 229 10.96 7.06 9.55
CA GLN C 229 11.68 8.13 10.22
C GLN C 229 10.95 9.48 10.12
N GLY C 230 9.70 9.44 9.69
CA GLY C 230 8.93 10.67 9.54
C GLY C 230 9.41 11.48 8.34
N GLU C 231 10.22 10.83 7.50
CA GLU C 231 10.77 11.45 6.30
C GLU C 231 9.80 11.34 5.12
N ALA C 232 9.55 12.45 4.45
CA ALA C 232 8.65 12.45 3.30
C ALA C 232 9.29 11.81 2.07
N GLY C 233 8.46 11.22 1.22
CA GLY C 233 8.98 10.62 0.00
C GLY C 233 9.25 11.76 -0.96
N THR C 234 9.73 11.44 -2.16
CA THR C 234 10.02 12.50 -3.15
C THR C 234 9.38 12.27 -4.51
N PHE C 235 8.59 11.21 -4.65
CA PHE C 235 7.97 10.95 -5.93
C PHE C 235 6.82 11.88 -6.28
N GLN C 236 6.25 12.56 -5.29
CA GLN C 236 5.15 13.48 -5.56
C GLN C 236 5.60 14.57 -6.54
N HIS C 237 6.91 14.78 -6.65
CA HIS C 237 7.44 15.79 -7.57
C HIS C 237 7.53 15.25 -9.00
N HIS C 238 7.24 13.96 -9.15
CA HIS C 238 7.29 13.33 -10.46
C HIS C 238 5.90 12.89 -10.90
N LEU C 239 4.89 13.45 -10.24
CA LEU C 239 3.50 13.13 -10.55
C LEU C 239 3.06 13.97 -11.73
N TYR C 240 2.43 13.31 -12.70
CA TYR C 240 1.96 13.99 -13.88
C TYR C 240 0.53 14.50 -13.74
N VAL C 241 -0.35 13.69 -13.15
CA VAL C 241 -1.75 14.08 -13.04
C VAL C 241 -2.36 14.07 -11.65
N TYR C 242 -2.02 13.06 -10.85
CA TYR C 242 -2.60 12.97 -9.52
C TYR C 242 -2.46 14.26 -8.71
N GLY C 243 -3.62 14.77 -8.28
CA GLY C 243 -3.65 16.00 -7.50
C GLY C 243 -3.26 17.26 -8.25
N ARG C 244 -3.18 17.18 -9.58
CA ARG C 244 -2.78 18.36 -10.36
C ARG C 244 -3.90 18.98 -11.16
N GLN C 245 -5.14 18.69 -10.78
CA GLN C 245 -6.30 19.22 -11.48
C GLN C 245 -6.25 20.75 -11.58
N GLY C 246 -6.52 21.27 -12.77
CA GLY C 246 -6.52 22.71 -12.96
C GLY C 246 -5.13 23.27 -13.15
N ASN C 247 -4.13 22.38 -13.21
CA ASN C 247 -2.74 22.77 -13.42
C ASN C 247 -2.35 22.34 -14.82
N PRO C 248 -1.40 23.05 -15.43
CA PRO C 248 -1.00 22.66 -16.78
C PRO C 248 -0.30 21.30 -16.80
N CYS C 249 -0.64 20.47 -17.79
CA CYS C 249 0.00 19.17 -17.92
C CYS C 249 1.48 19.42 -18.18
N LYS C 250 2.34 18.66 -17.49
CA LYS C 250 3.78 18.81 -17.64
C LYS C 250 4.29 18.52 -19.06
N ARG C 251 3.53 17.74 -19.81
CA ARG C 251 3.92 17.36 -21.16
C ARG C 251 3.31 18.25 -22.26
N CYS C 252 2.04 18.61 -22.14
CA CYS C 252 1.39 19.42 -23.16
C CYS C 252 0.80 20.75 -22.72
N GLY C 253 0.86 21.05 -21.42
CA GLY C 253 0.32 22.31 -20.95
C GLY C 253 -1.19 22.38 -20.77
N THR C 254 -1.89 21.37 -21.28
CA THR C 254 -3.34 21.33 -21.16
C THR C 254 -3.74 21.07 -19.70
N PRO C 255 -4.63 21.89 -19.14
CA PRO C 255 -5.07 21.73 -17.74
C PRO C 255 -5.51 20.31 -17.39
N ILE C 256 -4.93 19.75 -16.33
CA ILE C 256 -5.29 18.41 -15.89
C ILE C 256 -6.74 18.38 -15.38
N GLU C 257 -7.45 17.32 -15.73
CA GLU C 257 -8.84 17.17 -15.33
C GLU C 257 -8.98 16.26 -14.12
N LYS C 258 -10.02 16.50 -13.33
CA LYS C 258 -10.30 15.68 -12.17
C LYS C 258 -11.79 15.31 -12.19
N THR C 259 -12.09 14.04 -12.35
CA THR C 259 -13.48 13.59 -12.32
C THR C 259 -13.55 12.38 -11.42
N VAL C 260 -14.72 11.74 -11.38
CA VAL C 260 -14.92 10.56 -10.57
C VAL C 260 -15.07 9.32 -11.44
N VAL C 261 -14.20 8.34 -11.21
CA VAL C 261 -14.20 7.08 -11.95
C VAL C 261 -13.93 5.98 -10.93
N ALA C 262 -14.72 4.91 -10.98
CA ALA C 262 -14.58 3.79 -10.04
C ALA C 262 -14.81 4.31 -8.61
N GLY C 263 -15.63 5.35 -8.49
CA GLY C 263 -15.91 5.94 -7.20
C GLY C 263 -14.76 6.73 -6.63
N ARG C 264 -13.66 6.82 -7.38
CA ARG C 264 -12.47 7.54 -6.91
C ARG C 264 -12.17 8.84 -7.66
N GLY C 265 -11.52 9.77 -6.97
CA GLY C 265 -11.14 11.01 -7.61
C GLY C 265 -10.20 10.53 -8.71
N THR C 266 -10.38 11.04 -9.92
CA THR C 266 -9.54 10.59 -11.02
C THR C 266 -8.94 11.74 -11.81
N HIS C 267 -7.62 11.68 -12.01
CA HIS C 267 -6.91 12.73 -12.72
C HIS C 267 -6.33 12.21 -14.03
N TYR C 268 -6.29 13.09 -15.03
CA TYR C 268 -5.80 12.71 -16.35
C TYR C 268 -5.69 13.94 -17.26
N CYS C 269 -4.97 13.75 -18.36
CA CYS C 269 -4.84 14.82 -19.33
C CYS C 269 -5.84 14.49 -20.43
N PRO C 270 -6.80 15.39 -20.66
CA PRO C 270 -7.82 15.17 -21.68
C PRO C 270 -7.27 15.03 -23.09
N ARG C 271 -6.04 15.51 -23.29
CA ARG C 271 -5.39 15.45 -24.59
C ARG C 271 -4.42 14.30 -24.80
N CYS C 272 -3.60 14.01 -23.79
CA CYS C 272 -2.60 12.95 -23.93
C CYS C 272 -3.13 11.54 -23.69
N GLN C 273 -4.31 11.43 -23.09
CA GLN C 273 -4.91 10.13 -22.83
C GLN C 273 -6.14 9.93 -23.69
N ARG C 274 -6.26 8.76 -24.30
CA ARG C 274 -7.40 8.44 -25.16
C ARG C 274 -8.11 7.15 -24.73
#